data_4LHM
#
_entry.id   4LHM
#
_cell.length_a   130.762
_cell.length_b   130.762
_cell.length_c   67.057
_cell.angle_alpha   90.00
_cell.angle_beta   90.00
_cell.angle_gamma   90.00
#
_symmetry.space_group_name_H-M   'P 43 21 2'
#
loop_
_entity.id
_entity.type
_entity.pdbx_description
1 polymer 'Thymidine phosphorylase'
2 non-polymer 'SULFATE ION'
3 non-polymer GLYCEROL
4 non-polymer "3'-azido-3'-deoxythymidine"
5 water water
#
_entity_poly.entity_id   1
_entity_poly.type   'polypeptide(L)'
_entity_poly.pdbx_seq_one_letter_code
;LFLAQEIIRKKRDGHALSDEEIRFFINGIRDNTISEGQIAALAMTIFFHDMTMPERVSLTMAMRDSGTVLDWKSLHLNGP
IVDKHSTGGVGDVTSLMLGPMVAACGGYIPMISGRGLGHTGGTLDKLESIPGFDIFPDDNRFREIIKDVGVAIIGQTSSL
APADKRFYATRDITATVDSIPLITASILAKKLAEGLDALVMDVKVGSGAFMPTYELSEALAEAIVGVANGAGVRTTALLT
DMNQVLASSAGNAVEVREAVQFLTGEYRNPRLFDVTMALCVEMLISGKLAKDDAEARAKLQAVLDNGKAAEVFGRMVAAQ
KGPTDFVENYAKYLPTAMLTKAVYADTEGFVSEMDTRALGMAVVAMGGGRRQASDTIDYSVGFTDMARLGDQVDGQRPLA
VIHAKDENNWQEAAKAVKAAIKLADKAPESTPTVYRRISE
;
_entity_poly.pdbx_strand_id   A
#
# COMPACT_ATOMS: atom_id res chain seq x y z
N LEU A 1 -22.35 -28.88 -21.27
CA LEU A 1 -21.54 -28.71 -20.03
C LEU A 1 -20.21 -29.50 -20.14
N PHE A 2 -19.16 -29.10 -19.41
CA PHE A 2 -19.24 -28.07 -18.37
C PHE A 2 -19.09 -26.63 -18.86
N LEU A 3 -19.40 -25.74 -17.94
CA LEU A 3 -19.77 -24.38 -18.24
C LEU A 3 -18.59 -23.47 -18.54
N ALA A 4 -17.38 -23.81 -18.09
CA ALA A 4 -16.29 -22.83 -18.08
C ALA A 4 -16.05 -22.23 -19.46
N GLN A 5 -15.95 -23.08 -20.48
CA GLN A 5 -15.77 -22.57 -21.84
C GLN A 5 -17.01 -21.79 -22.30
N GLU A 6 -18.21 -22.24 -21.93
CA GLU A 6 -19.44 -21.51 -22.29
C GLU A 6 -19.47 -20.11 -21.65
N ILE A 7 -18.97 -20.02 -20.42
CA ILE A 7 -18.90 -18.73 -19.72
C ILE A 7 -17.92 -17.77 -20.42
N ILE A 8 -16.75 -18.29 -20.82
CA ILE A 8 -15.80 -17.48 -21.55
C ILE A 8 -16.45 -17.02 -22.86
N ARG A 9 -17.08 -17.93 -23.59
CA ARG A 9 -17.69 -17.59 -24.86
C ARG A 9 -18.72 -16.46 -24.73
N LYS A 10 -19.53 -16.55 -23.68
CA LYS A 10 -20.59 -15.59 -23.42
C LYS A 10 -20.01 -14.19 -23.20
N LYS A 11 -19.01 -14.10 -22.33
CA LYS A 11 -18.32 -12.84 -22.10
C LYS A 11 -17.57 -12.35 -23.35
N ARG A 12 -16.94 -13.28 -24.07
CA ARG A 12 -16.26 -12.98 -25.32
C ARG A 12 -17.18 -12.24 -26.29
N ASP A 13 -18.43 -12.70 -26.36
CA ASP A 13 -19.40 -12.15 -27.30
C ASP A 13 -20.20 -10.98 -26.73
N GLY A 14 -19.73 -10.42 -25.62
CA GLY A 14 -20.23 -9.13 -25.12
C GLY A 14 -21.44 -9.17 -24.19
N HIS A 15 -21.78 -10.36 -23.70
CA HIS A 15 -22.90 -10.50 -22.76
C HIS A 15 -22.41 -10.41 -21.34
N ALA A 16 -23.26 -9.87 -20.47
CA ALA A 16 -22.97 -9.80 -19.04
C ALA A 16 -23.13 -11.21 -18.46
N LEU A 17 -22.21 -11.58 -17.57
CA LEU A 17 -22.27 -12.84 -16.87
C LEU A 17 -23.17 -12.72 -15.66
N SER A 18 -23.85 -13.81 -15.34
CA SER A 18 -24.74 -13.83 -14.19
C SER A 18 -23.90 -14.07 -12.93
N ASP A 19 -24.50 -13.78 -11.77
CA ASP A 19 -23.85 -14.05 -10.49
C ASP A 19 -23.52 -15.54 -10.38
N GLU A 20 -24.45 -16.39 -10.80
CA GLU A 20 -24.25 -17.83 -10.81
C GLU A 20 -23.02 -18.22 -11.63
N GLU A 21 -22.89 -17.62 -12.83
CA GLU A 21 -21.81 -17.98 -13.75
C GLU A 21 -20.46 -17.54 -13.17
N ILE A 22 -20.45 -16.34 -12.62
CA ILE A 22 -19.24 -15.80 -12.01
C ILE A 22 -18.81 -16.65 -10.82
N ARG A 23 -19.77 -17.01 -9.95
CA ARG A 23 -19.49 -17.84 -8.80
C ARG A 23 -18.98 -19.22 -9.18
N PHE A 24 -19.59 -19.80 -10.21
CA PHE A 24 -19.14 -21.09 -10.71
C PHE A 24 -17.69 -21.01 -11.18
N PHE A 25 -17.39 -19.96 -11.96
CA PHE A 25 -16.04 -19.82 -12.53
C PHE A 25 -15.02 -19.60 -11.42
N ILE A 26 -15.32 -18.71 -10.49
CA ILE A 26 -14.40 -18.47 -9.38
C ILE A 26 -14.19 -19.72 -8.54
N ASN A 27 -15.26 -20.47 -8.28
CA ASN A 27 -15.14 -21.72 -7.54
C ASN A 27 -14.26 -22.75 -8.29
N GLY A 28 -14.37 -22.76 -9.61
CA GLY A 28 -13.53 -23.62 -10.45
C GLY A 28 -12.05 -23.24 -10.45
N ILE A 29 -11.78 -21.94 -10.32
CA ILE A 29 -10.42 -21.47 -10.12
C ILE A 29 -9.95 -21.98 -8.76
N ARG A 30 -10.79 -21.84 -7.73
CA ARG A 30 -10.45 -22.27 -6.35
C ARG A 30 -10.10 -23.76 -6.25
N ASP A 31 -10.93 -24.61 -6.84
CA ASP A 31 -10.70 -26.07 -6.76
C ASP A 31 -9.84 -26.67 -7.89
N ASN A 32 -9.23 -25.81 -8.70
N ASN A 32 -9.22 -25.81 -8.69
CA ASN A 32 -8.27 -26.21 -9.73
CA ASN A 32 -8.26 -26.20 -9.74
C ASN A 32 -8.86 -27.05 -10.87
C ASN A 32 -8.86 -27.05 -10.87
N THR A 33 -10.15 -26.88 -11.12
CA THR A 33 -10.81 -27.55 -12.23
C THR A 33 -10.86 -26.67 -13.47
N ILE A 34 -10.64 -25.37 -13.31
CA ILE A 34 -10.52 -24.44 -14.42
C ILE A 34 -9.04 -24.13 -14.62
N SER A 35 -8.59 -24.27 -15.87
CA SER A 35 -7.16 -24.19 -16.20
C SER A 35 -6.65 -22.75 -16.35
N GLU A 36 -5.33 -22.61 -16.35
CA GLU A 36 -4.70 -21.29 -16.58
C GLU A 36 -5.16 -20.67 -17.89
N GLY A 37 -5.25 -21.49 -18.95
CA GLY A 37 -5.72 -20.99 -20.24
C GLY A 37 -7.13 -20.40 -20.15
N GLN A 38 -8.01 -21.07 -19.42
CA GLN A 38 -9.37 -20.59 -19.26
C GLN A 38 -9.44 -19.31 -18.37
N ILE A 39 -8.60 -19.23 -17.33
CA ILE A 39 -8.50 -18.00 -16.56
C ILE A 39 -8.03 -16.86 -17.45
N ALA A 40 -6.97 -17.10 -18.23
CA ALA A 40 -6.42 -16.06 -19.09
C ALA A 40 -7.44 -15.60 -20.13
N ALA A 41 -8.16 -16.56 -20.73
CA ALA A 41 -9.14 -16.23 -21.76
C ALA A 41 -10.24 -15.35 -21.18
N LEU A 42 -10.77 -15.74 -20.03
CA LEU A 42 -11.80 -14.93 -19.38
C LEU A 42 -11.25 -13.54 -19.03
N ALA A 43 -10.05 -13.50 -18.46
CA ALA A 43 -9.43 -12.25 -18.11
C ALA A 43 -9.37 -11.33 -19.31
N MET A 44 -8.95 -11.84 -20.46
CA MET A 44 -8.84 -11.03 -21.68
C MET A 44 -10.21 -10.59 -22.19
N THR A 45 -11.25 -11.44 -22.08
CA THR A 45 -12.59 -10.98 -22.47
C THR A 45 -13.05 -9.80 -21.58
N ILE A 46 -12.67 -9.82 -20.30
CA ILE A 46 -13.02 -8.74 -19.38
C ILE A 46 -12.22 -7.47 -19.71
N PHE A 47 -10.96 -7.64 -20.08
CA PHE A 47 -10.18 -6.51 -20.55
C PHE A 47 -10.86 -5.82 -21.73
N PHE A 48 -11.34 -6.62 -22.70
CA PHE A 48 -12.00 -6.03 -23.86
C PHE A 48 -13.41 -5.49 -23.62
N HIS A 49 -14.21 -6.18 -22.82
CA HIS A 49 -15.63 -5.84 -22.72
C HIS A 49 -15.99 -5.16 -21.42
N ASP A 50 -15.07 -5.12 -20.44
CA ASP A 50 -15.36 -4.56 -19.13
C ASP A 50 -16.42 -5.38 -18.42
N MET A 51 -16.87 -4.87 -17.27
CA MET A 51 -17.90 -5.51 -16.48
C MET A 51 -18.79 -4.42 -15.91
N THR A 52 -20.09 -4.72 -15.83
CA THR A 52 -21.04 -3.81 -15.22
C THR A 52 -20.88 -3.83 -13.71
N MET A 53 -21.55 -2.91 -13.03
CA MET A 53 -21.47 -2.86 -11.59
C MET A 53 -21.88 -4.20 -10.97
N PRO A 54 -23.02 -4.77 -11.40
CA PRO A 54 -23.38 -6.10 -10.85
C PRO A 54 -22.33 -7.19 -11.08
N GLU A 55 -21.71 -7.21 -12.25
CA GLU A 55 -20.65 -8.19 -12.53
C GLU A 55 -19.46 -7.97 -11.58
N ARG A 56 -19.07 -6.71 -11.44
CA ARG A 56 -17.91 -6.37 -10.63
C ARG A 56 -18.13 -6.79 -9.18
N VAL A 57 -19.33 -6.52 -8.68
CA VAL A 57 -19.70 -6.92 -7.33
C VAL A 57 -19.70 -8.45 -7.19
N SER A 58 -20.31 -9.14 -8.14
CA SER A 58 -20.34 -10.61 -8.10
C SER A 58 -18.93 -11.18 -8.08
N LEU A 59 -18.08 -10.63 -8.95
CA LEU A 59 -16.71 -11.14 -9.09
C LEU A 59 -15.93 -10.92 -7.79
N THR A 60 -16.08 -9.73 -7.23
CA THR A 60 -15.43 -9.40 -5.96
C THR A 60 -15.90 -10.31 -4.82
N MET A 61 -17.22 -10.43 -4.64
CA MET A 61 -17.79 -11.25 -3.57
C MET A 61 -17.37 -12.72 -3.72
N ALA A 62 -17.39 -13.22 -4.97
CA ALA A 62 -17.04 -14.62 -5.24
C ALA A 62 -15.59 -14.88 -4.84
N MET A 63 -14.71 -13.96 -5.20
N MET A 63 -14.71 -13.94 -5.17
CA MET A 63 -13.29 -14.12 -4.88
CA MET A 63 -13.29 -14.11 -4.88
C MET A 63 -13.07 -14.01 -3.38
C MET A 63 -12.97 -13.90 -3.40
N ARG A 64 -13.73 -13.03 -2.75
CA ARG A 64 -13.67 -12.90 -1.29
C ARG A 64 -14.07 -14.22 -0.61
N ASP A 65 -15.16 -14.81 -1.09
CA ASP A 65 -15.75 -15.99 -0.46
C ASP A 65 -15.05 -17.28 -0.83
N SER A 66 -14.03 -17.21 -1.68
CA SER A 66 -13.28 -18.39 -2.09
C SER A 66 -12.39 -18.91 -0.97
N GLY A 67 -12.19 -18.12 0.08
CA GLY A 67 -11.37 -18.54 1.21
C GLY A 67 -11.90 -18.07 2.56
N THR A 68 -11.02 -18.05 3.55
CA THR A 68 -11.40 -17.61 4.89
C THR A 68 -11.81 -16.13 4.89
N VAL A 69 -12.92 -15.85 5.54
CA VAL A 69 -13.34 -14.49 5.78
C VAL A 69 -13.40 -14.28 7.30
N LEU A 70 -12.70 -13.27 7.78
CA LEU A 70 -12.64 -13.02 9.20
C LEU A 70 -13.94 -12.44 9.71
N ASP A 71 -14.32 -12.85 10.92
CA ASP A 71 -15.46 -12.24 11.61
C ASP A 71 -15.05 -11.83 13.01
N TRP A 72 -15.41 -10.62 13.40
CA TRP A 72 -14.98 -10.02 14.67
C TRP A 72 -16.06 -9.96 15.73
N LYS A 73 -17.30 -10.12 15.31
CA LYS A 73 -18.46 -9.93 16.19
C LYS A 73 -18.32 -10.66 17.54
N SER A 74 -17.79 -11.89 17.49
CA SER A 74 -17.65 -12.75 18.68
C SER A 74 -16.62 -12.28 19.72
N LEU A 75 -15.74 -11.35 19.34
CA LEU A 75 -14.83 -10.70 20.31
C LEU A 75 -15.52 -9.58 21.10
N HIS A 76 -16.70 -9.15 20.63
CA HIS A 76 -17.48 -8.09 21.29
C HIS A 76 -16.63 -6.85 21.56
N LEU A 77 -15.96 -6.39 20.52
CA LEU A 77 -15.12 -5.18 20.57
C LEU A 77 -15.99 -3.95 20.59
N ASN A 78 -15.51 -2.88 21.23
CA ASN A 78 -16.25 -1.62 21.22
C ASN A 78 -15.62 -0.60 20.30
N GLY A 79 -15.51 -0.94 19.03
CA GLY A 79 -15.06 0.02 18.05
C GLY A 79 -15.21 -0.60 16.70
N PRO A 80 -15.06 0.20 15.64
CA PRO A 80 -15.26 -0.27 14.30
C PRO A 80 -14.06 -1.07 13.79
N ILE A 81 -14.31 -1.98 12.87
CA ILE A 81 -13.24 -2.70 12.17
C ILE A 81 -12.96 -1.90 10.90
N VAL A 82 -11.75 -1.35 10.79
CA VAL A 82 -11.46 -0.39 9.76
C VAL A 82 -10.03 -0.61 9.21
N ASP A 83 -9.83 -0.27 7.95
CA ASP A 83 -8.52 -0.51 7.32
C ASP A 83 -8.28 0.50 6.18
N LYS A 84 -7.03 0.50 5.70
CA LYS A 84 -6.59 1.34 4.58
C LYS A 84 -5.88 0.44 3.60
N HIS A 85 -6.07 0.69 2.31
CA HIS A 85 -5.24 0.08 1.27
C HIS A 85 -4.71 1.14 0.31
N SER A 86 -3.42 1.03 -0.01
CA SER A 86 -2.75 1.90 -0.98
C SER A 86 -2.45 1.12 -2.26
N THR A 87 -2.52 1.79 -3.40
CA THR A 87 -2.10 1.16 -4.65
C THR A 87 -0.56 1.05 -4.74
N GLY A 88 0.14 1.70 -3.82
CA GLY A 88 1.60 1.51 -3.68
C GLY A 88 2.39 2.68 -4.25
N GLY A 89 3.61 2.82 -3.75
CA GLY A 89 4.47 3.87 -4.26
C GLY A 89 5.88 3.73 -3.73
N VAL A 90 6.54 4.88 -3.60
CA VAL A 90 7.90 4.98 -3.12
C VAL A 90 7.88 5.91 -1.89
N GLY A 91 8.40 5.41 -0.78
CA GLY A 91 8.26 6.11 0.51
C GLY A 91 6.83 6.17 1.03
N ASP A 92 6.01 5.20 0.66
CA ASP A 92 4.59 5.21 1.00
C ASP A 92 4.38 4.47 2.32
N VAL A 93 4.98 4.99 3.39
CA VAL A 93 5.06 4.28 4.67
C VAL A 93 3.86 4.58 5.60
N THR A 94 2.80 5.19 5.06
CA THR A 94 1.67 5.66 5.86
C THR A 94 1.11 4.66 6.85
N SER A 95 1.02 3.39 6.47
CA SER A 95 0.39 2.38 7.30
C SER A 95 1.05 2.22 8.67
N LEU A 96 2.36 2.39 8.73
CA LEU A 96 3.07 2.15 9.98
C LEU A 96 2.66 3.19 11.06
N MET A 97 2.23 4.38 10.63
CA MET A 97 1.75 5.40 11.56
C MET A 97 0.22 5.37 11.66
N LEU A 98 -0.43 5.19 10.51
CA LEU A 98 -1.87 5.24 10.42
C LEU A 98 -2.56 4.13 11.24
N GLY A 99 -2.03 2.92 11.20
CA GLY A 99 -2.61 1.83 11.98
C GLY A 99 -2.62 2.18 13.46
N PRO A 100 -1.43 2.48 14.01
CA PRO A 100 -1.39 2.90 15.44
C PRO A 100 -2.21 4.14 15.78
N MET A 101 -2.22 5.14 14.90
CA MET A 101 -3.01 6.36 15.15
C MET A 101 -4.48 6.05 15.25
N VAL A 102 -5.02 5.29 14.30
CA VAL A 102 -6.44 4.99 14.32
C VAL A 102 -6.82 4.06 15.47
N ALA A 103 -5.94 3.12 15.79
CA ALA A 103 -6.13 2.22 16.93
C ALA A 103 -6.20 3.04 18.25
N ALA A 104 -5.33 4.03 18.35
CA ALA A 104 -5.29 4.89 19.53
C ALA A 104 -6.55 5.74 19.67
N CYS A 105 -7.27 5.93 18.57
CA CYS A 105 -8.56 6.64 18.55
C CYS A 105 -9.80 5.74 18.58
N GLY A 106 -9.59 4.45 18.85
CA GLY A 106 -10.68 3.52 19.11
C GLY A 106 -11.00 2.56 17.98
N GLY A 107 -10.21 2.56 16.91
CA GLY A 107 -10.46 1.66 15.79
C GLY A 107 -9.76 0.32 15.96
N TYR A 108 -10.23 -0.68 15.24
CA TYR A 108 -9.59 -1.99 15.21
C TYR A 108 -9.17 -2.26 13.77
N ILE A 109 -7.87 -2.50 13.56
CA ILE A 109 -7.29 -2.49 12.21
C ILE A 109 -6.57 -3.82 11.92
N PRO A 110 -7.28 -4.77 11.30
CA PRO A 110 -6.71 -6.07 10.91
C PRO A 110 -6.08 -6.00 9.52
N MET A 111 -4.93 -5.35 9.45
CA MET A 111 -4.34 -4.98 8.17
C MET A 111 -3.57 -6.12 7.51
N ILE A 112 -4.20 -6.70 6.50
CA ILE A 112 -3.51 -7.65 5.63
C ILE A 112 -2.88 -6.86 4.51
N SER A 113 -1.55 -6.79 4.49
CA SER A 113 -0.81 -5.90 3.58
C SER A 113 -0.05 -6.75 2.57
N GLY A 114 1.02 -6.21 2.03
CA GLY A 114 1.71 -6.88 0.93
C GLY A 114 3.19 -6.59 0.87
N ARG A 115 3.87 -7.37 0.05
CA ARG A 115 5.27 -7.14 -0.23
C ARG A 115 5.45 -6.15 -1.39
N GLY A 116 6.70 -5.77 -1.64
CA GLY A 116 7.00 -4.87 -2.74
C GLY A 116 6.57 -5.49 -4.06
N LEU A 117 6.21 -4.63 -5.00
CA LEU A 117 5.77 -5.04 -6.33
C LEU A 117 6.34 -4.06 -7.36
N GLY A 118 7.06 -4.60 -8.34
CA GLY A 118 7.66 -3.76 -9.37
C GLY A 118 8.57 -2.72 -8.75
N HIS A 119 8.23 -1.44 -8.97
CA HIS A 119 9.02 -0.34 -8.43
C HIS A 119 8.64 0.09 -7.02
N THR A 120 7.56 -0.49 -6.47
CA THR A 120 7.00 -0.02 -5.20
C THR A 120 7.52 -0.82 -4.02
N GLY A 121 7.65 -0.14 -2.88
CA GLY A 121 7.98 -0.80 -1.63
C GLY A 121 6.75 -1.53 -1.14
N GLY A 122 6.94 -2.35 -0.11
CA GLY A 122 5.86 -3.12 0.48
C GLY A 122 5.93 -3.06 2.00
N THR A 123 4.78 -2.81 2.63
CA THR A 123 4.75 -2.68 4.09
C THR A 123 5.31 -3.89 4.83
N LEU A 124 5.01 -5.07 4.34
CA LEU A 124 5.50 -6.31 4.97
C LEU A 124 7.00 -6.42 4.88
N ASP A 125 7.58 -5.98 3.77
CA ASP A 125 9.03 -6.03 3.64
C ASP A 125 9.67 -5.01 4.58
N LYS A 126 9.03 -3.86 4.73
CA LYS A 126 9.56 -2.85 5.64
C LYS A 126 9.51 -3.37 7.07
N LEU A 127 8.41 -3.99 7.44
CA LEU A 127 8.29 -4.53 8.81
C LEU A 127 9.29 -5.66 9.11
N GLU A 128 9.64 -6.43 8.08
CA GLU A 128 10.59 -7.53 8.23
C GLU A 128 12.05 -7.06 8.40
N SER A 129 12.27 -5.74 8.35
CA SER A 129 13.54 -5.17 8.81
C SER A 129 13.65 -5.21 10.34
N ILE A 130 12.52 -5.39 11.02
CA ILE A 130 12.49 -5.40 12.49
C ILE A 130 12.77 -6.81 12.97
N PRO A 131 13.86 -7.00 13.72
CA PRO A 131 14.20 -8.39 14.04
C PRO A 131 13.11 -9.06 14.86
N GLY A 132 12.72 -10.27 14.46
CA GLY A 132 11.70 -11.04 15.16
C GLY A 132 10.27 -10.78 14.72
N PHE A 133 10.04 -9.65 14.07
CA PHE A 133 8.68 -9.28 13.68
C PHE A 133 8.06 -10.36 12.80
N ASP A 134 6.90 -10.85 13.20
CA ASP A 134 6.26 -12.01 12.60
C ASP A 134 4.99 -11.58 11.88
N ILE A 135 5.03 -11.60 10.55
CA ILE A 135 3.85 -11.24 9.75
C ILE A 135 2.82 -12.35 9.59
N PHE A 136 3.08 -13.53 10.16
CA PHE A 136 2.19 -14.67 10.00
C PHE A 136 1.80 -15.26 11.36
N PRO A 137 1.12 -14.45 12.22
CA PRO A 137 0.62 -15.04 13.46
C PRO A 137 -0.48 -16.05 13.14
N ASP A 138 -0.70 -17.05 13.99
CA ASP A 138 -1.83 -17.96 13.74
C ASP A 138 -3.18 -17.23 13.93
N ASP A 139 -4.25 -17.85 13.46
CA ASP A 139 -5.58 -17.19 13.45
C ASP A 139 -5.95 -16.63 14.82
N ASN A 140 -5.81 -17.46 15.84
CA ASN A 140 -6.18 -17.08 17.20
C ASN A 140 -5.29 -15.98 17.78
N ARG A 141 -4.00 -16.06 17.48
CA ARG A 141 -3.05 -15.07 17.94
C ARG A 141 -3.34 -13.70 17.33
N PHE A 142 -3.68 -13.68 16.04
CA PHE A 142 -4.05 -12.44 15.34
C PHE A 142 -5.24 -11.78 16.03
N ARG A 143 -6.22 -12.61 16.39
CA ARG A 143 -7.39 -12.11 17.09
C ARG A 143 -7.02 -11.51 18.44
N GLU A 144 -6.13 -12.17 19.18
CA GLU A 144 -5.68 -11.63 20.49
C GLU A 144 -5.03 -10.27 20.31
N ILE A 145 -4.18 -10.14 19.31
CA ILE A 145 -3.46 -8.88 19.11
C ILE A 145 -4.42 -7.76 18.74
N ILE A 146 -5.37 -8.05 17.86
CA ILE A 146 -6.36 -7.05 17.49
C ILE A 146 -7.17 -6.62 18.73
N LYS A 147 -7.58 -7.58 19.55
CA LYS A 147 -8.30 -7.26 20.77
C LYS A 147 -7.49 -6.39 21.73
N ASP A 148 -6.26 -6.81 22.00
CA ASP A 148 -5.43 -6.19 23.05
C ASP A 148 -4.72 -4.91 22.61
N VAL A 149 -4.20 -4.91 21.38
CA VAL A 149 -3.43 -3.77 20.84
C VAL A 149 -4.26 -2.84 19.94
N GLY A 150 -5.19 -3.41 19.17
CA GLY A 150 -6.03 -2.61 18.28
C GLY A 150 -5.61 -2.68 16.81
N VAL A 151 -4.40 -3.15 16.55
CA VAL A 151 -3.88 -3.17 15.18
C VAL A 151 -2.80 -4.24 15.08
N ALA A 152 -2.75 -4.88 13.92
CA ALA A 152 -1.64 -5.76 13.56
C ALA A 152 -1.54 -5.70 12.04
N ILE A 153 -0.33 -5.91 11.53
CA ILE A 153 -0.09 -5.87 10.10
C ILE A 153 0.53 -7.20 9.67
N ILE A 154 -0.16 -7.91 8.80
CA ILE A 154 0.17 -9.29 8.50
C ILE A 154 0.15 -9.58 7.02
N GLY A 155 0.72 -10.74 6.68
CA GLY A 155 0.77 -11.22 5.32
C GLY A 155 -0.45 -12.01 4.90
N GLN A 156 -0.53 -12.28 3.61
CA GLN A 156 -1.62 -13.01 2.99
C GLN A 156 -1.35 -14.51 3.10
N THR A 157 -2.16 -15.23 3.86
CA THR A 157 -1.99 -16.68 4.02
C THR A 157 -2.57 -17.42 2.82
N SER A 158 -2.28 -18.71 2.75
CA SER A 158 -2.84 -19.54 1.68
C SER A 158 -4.38 -19.58 1.68
N SER A 159 -4.98 -19.38 2.85
N SER A 159 -4.98 -19.38 2.85
CA SER A 159 -6.43 -19.42 3.00
CA SER A 159 -6.44 -19.41 3.01
C SER A 159 -7.16 -18.13 2.59
C SER A 159 -7.15 -18.10 2.65
N LEU A 160 -6.39 -17.07 2.28
CA LEU A 160 -6.98 -15.77 1.92
C LEU A 160 -7.29 -15.71 0.44
N ALA A 161 -8.58 -15.55 0.11
CA ALA A 161 -9.04 -15.37 -1.26
C ALA A 161 -8.20 -16.17 -2.27
N PRO A 162 -8.11 -17.50 -2.06
CA PRO A 162 -7.23 -18.32 -2.90
C PRO A 162 -7.53 -18.24 -4.39
N ALA A 163 -8.79 -18.01 -4.77
CA ALA A 163 -9.11 -17.84 -6.20
C ALA A 163 -8.44 -16.61 -6.78
N ASP A 164 -8.26 -15.57 -5.97
CA ASP A 164 -7.56 -14.36 -6.42
C ASP A 164 -6.09 -14.65 -6.67
N LYS A 165 -5.50 -15.53 -5.85
CA LYS A 165 -4.09 -15.87 -6.00
C LYS A 165 -3.80 -16.38 -7.40
N ARG A 166 -4.61 -17.34 -7.86
CA ARG A 166 -4.40 -17.93 -9.18
C ARG A 166 -4.80 -16.96 -10.29
N PHE A 167 -5.87 -16.20 -10.07
CA PHE A 167 -6.33 -15.22 -11.04
C PHE A 167 -5.24 -14.18 -11.26
N TYR A 168 -4.71 -13.61 -10.17
CA TYR A 168 -3.67 -12.60 -10.32
C TYR A 168 -2.38 -13.17 -10.92
N ALA A 169 -1.98 -14.37 -10.49
CA ALA A 169 -0.77 -14.99 -11.03
C ALA A 169 -0.88 -15.14 -12.54
N THR A 170 -2.08 -15.43 -13.04
CA THR A 170 -2.30 -15.57 -14.49
C THR A 170 -2.32 -14.22 -15.18
N ARG A 171 -3.04 -13.27 -14.59
CA ARG A 171 -3.08 -11.90 -15.10
C ARG A 171 -1.69 -11.34 -15.32
N ASP A 172 -0.81 -11.58 -14.35
CA ASP A 172 0.52 -10.97 -14.34
C ASP A 172 1.50 -11.53 -15.38
N ILE A 173 1.14 -12.60 -16.10
CA ILE A 173 1.94 -13.10 -17.23
C ILE A 173 1.20 -13.06 -18.57
N THR A 174 -0.02 -12.54 -18.57
CA THR A 174 -0.84 -12.53 -19.78
C THR A 174 -1.34 -11.15 -20.20
N ALA A 175 -0.73 -10.10 -19.66
CA ALA A 175 -1.14 -8.74 -19.97
C ALA A 175 -2.64 -8.49 -19.66
N THR A 176 -3.11 -9.03 -18.54
CA THR A 176 -4.48 -8.78 -18.09
C THR A 176 -4.51 -8.26 -16.65
N VAL A 177 -3.40 -7.68 -16.20
CA VAL A 177 -3.41 -6.93 -14.94
C VAL A 177 -4.19 -5.63 -15.11
N ASP A 178 -3.93 -4.95 -16.23
CA ASP A 178 -4.41 -3.59 -16.47
C ASP A 178 -5.88 -3.54 -16.89
N SER A 179 -6.74 -3.82 -15.92
CA SER A 179 -8.18 -3.81 -16.10
C SER A 179 -8.81 -3.36 -14.80
N ILE A 180 -9.55 -2.26 -14.85
CA ILE A 180 -10.19 -1.70 -13.66
C ILE A 180 -11.06 -2.73 -12.92
N PRO A 181 -11.99 -3.42 -13.60
CA PRO A 181 -12.76 -4.44 -12.86
C PRO A 181 -11.92 -5.54 -12.19
N LEU A 182 -10.87 -5.99 -12.86
CA LEU A 182 -10.01 -7.05 -12.31
C LEU A 182 -9.20 -6.55 -11.12
N ILE A 183 -8.65 -5.34 -11.24
CA ILE A 183 -7.88 -4.76 -10.14
C ILE A 183 -8.77 -4.56 -8.92
N THR A 184 -9.96 -4.00 -9.15
CA THR A 184 -10.92 -3.70 -8.08
C THR A 184 -11.30 -4.97 -7.33
N ALA A 185 -11.62 -6.01 -8.10
CA ALA A 185 -12.02 -7.28 -7.52
C ALA A 185 -10.89 -7.93 -6.73
N SER A 186 -9.67 -7.83 -7.25
CA SER A 186 -8.51 -8.41 -6.59
C SER A 186 -8.21 -7.71 -5.26
N ILE A 187 -8.17 -6.37 -5.28
CA ILE A 187 -7.91 -5.59 -4.09
C ILE A 187 -8.96 -5.87 -3.01
N LEU A 188 -10.23 -5.82 -3.40
CA LEU A 188 -11.31 -5.96 -2.46
C LEU A 188 -11.56 -7.39 -2.02
N ALA A 189 -11.27 -8.37 -2.87
CA ALA A 189 -11.36 -9.77 -2.43
C ALA A 189 -10.54 -9.95 -1.16
N LYS A 190 -9.34 -9.38 -1.13
CA LYS A 190 -8.47 -9.48 0.04
C LYS A 190 -8.92 -8.61 1.21
N LYS A 191 -9.12 -7.31 0.97
CA LYS A 191 -9.50 -6.39 2.06
C LYS A 191 -10.85 -6.77 2.66
N LEU A 192 -11.84 -7.10 1.83
CA LEU A 192 -13.15 -7.46 2.37
C LEU A 192 -13.14 -8.78 3.14
N ALA A 193 -12.14 -9.62 2.89
CA ALA A 193 -11.98 -10.85 3.67
C ALA A 193 -11.58 -10.56 5.13
N GLU A 194 -11.32 -9.30 5.46
CA GLU A 194 -10.93 -8.91 6.82
C GLU A 194 -12.13 -8.68 7.71
N GLY A 195 -13.33 -8.69 7.13
CA GLY A 195 -14.57 -8.45 7.89
C GLY A 195 -14.67 -7.02 8.41
N LEU A 196 -14.55 -6.06 7.50
CA LEU A 196 -14.50 -4.66 7.82
C LEU A 196 -15.87 -4.01 7.98
N ASP A 197 -15.92 -2.98 8.81
CA ASP A 197 -17.03 -2.03 8.82
C ASP A 197 -16.78 -0.87 7.85
N ALA A 198 -15.51 -0.48 7.75
CA ALA A 198 -15.13 0.69 6.96
C ALA A 198 -13.73 0.50 6.37
N LEU A 199 -13.48 1.19 5.26
CA LEU A 199 -12.25 1.09 4.49
C LEU A 199 -11.95 2.44 3.86
N VAL A 200 -10.66 2.80 3.81
CA VAL A 200 -10.24 3.93 2.97
C VAL A 200 -9.24 3.42 1.94
N MET A 201 -9.40 3.91 0.73
CA MET A 201 -8.48 3.59 -0.37
C MET A 201 -7.59 4.80 -0.70
N ASP A 202 -6.28 4.55 -0.81
CA ASP A 202 -5.33 5.54 -1.29
C ASP A 202 -4.91 5.16 -2.70
N VAL A 203 -5.48 5.86 -3.68
CA VAL A 203 -5.13 5.64 -5.09
C VAL A 203 -4.12 6.70 -5.52
N LYS A 204 -2.93 6.23 -5.87
CA LYS A 204 -1.86 7.13 -6.21
C LYS A 204 -2.02 7.73 -7.61
N VAL A 205 -1.52 8.96 -7.73
CA VAL A 205 -1.45 9.69 -9.00
C VAL A 205 0.00 10.07 -9.27
N GLY A 206 0.43 9.96 -10.53
CA GLY A 206 1.72 10.49 -10.96
C GLY A 206 2.76 9.45 -11.37
N SER A 207 4.00 9.89 -11.47
CA SER A 207 5.01 9.06 -12.13
C SER A 207 5.36 7.79 -11.35
N GLY A 208 5.13 7.79 -10.05
CA GLY A 208 5.36 6.62 -9.22
C GLY A 208 4.10 5.80 -8.92
N ALA A 209 2.98 6.19 -9.54
CA ALA A 209 1.72 5.47 -9.38
C ALA A 209 1.63 4.37 -10.41
N PHE A 210 0.88 3.32 -10.10
CA PHE A 210 0.64 2.27 -11.07
C PHE A 210 -0.30 2.73 -12.19
N MET A 211 -1.37 3.45 -11.87
CA MET A 211 -2.26 3.93 -12.94
C MET A 211 -1.54 5.09 -13.63
N PRO A 212 -1.51 5.09 -14.98
CA PRO A 212 -0.62 5.99 -15.70
C PRO A 212 -1.12 7.42 -15.91
N THR A 213 -2.41 7.67 -15.65
CA THR A 213 -2.97 9.02 -15.79
C THR A 213 -3.87 9.33 -14.60
N TYR A 214 -4.07 10.62 -14.32
CA TYR A 214 -5.02 11.05 -13.28
C TYR A 214 -6.40 10.45 -13.51
N GLU A 215 -6.85 10.48 -14.76
CA GLU A 215 -8.18 10.04 -15.12
C GLU A 215 -8.36 8.56 -14.80
N LEU A 216 -7.32 7.75 -15.05
CA LEU A 216 -7.39 6.33 -14.76
C LEU A 216 -7.28 6.05 -13.26
N SER A 217 -6.45 6.82 -12.55
CA SER A 217 -6.43 6.76 -11.07
C SER A 217 -7.84 7.00 -10.54
N GLU A 218 -8.45 8.07 -11.04
CA GLU A 218 -9.81 8.45 -10.64
C GLU A 218 -10.85 7.36 -10.91
N ALA A 219 -10.82 6.78 -12.11
CA ALA A 219 -11.73 5.68 -12.45
C ALA A 219 -11.56 4.45 -11.54
N LEU A 220 -10.33 4.11 -11.22
CA LEU A 220 -10.09 2.99 -10.31
C LEU A 220 -10.68 3.30 -8.93
N ALA A 221 -10.41 4.49 -8.42
CA ALA A 221 -10.94 4.91 -7.13
C ALA A 221 -12.45 4.81 -7.12
N GLU A 222 -13.08 5.31 -8.18
CA GLU A 222 -14.54 5.25 -8.28
C GLU A 222 -15.05 3.82 -8.28
N ALA A 223 -14.37 2.95 -9.02
CA ALA A 223 -14.77 1.55 -9.08
C ALA A 223 -14.71 0.91 -7.70
N ILE A 224 -13.61 1.12 -6.98
CA ILE A 224 -13.42 0.49 -5.68
C ILE A 224 -14.44 0.98 -4.66
N VAL A 225 -14.68 2.27 -4.66
CA VAL A 225 -15.68 2.86 -3.76
C VAL A 225 -17.07 2.28 -4.03
N GLY A 226 -17.45 2.19 -5.30
CA GLY A 226 -18.75 1.66 -5.65
C GLY A 226 -18.93 0.21 -5.22
N VAL A 227 -17.92 -0.61 -5.52
CA VAL A 227 -18.02 -2.04 -5.21
C VAL A 227 -18.01 -2.27 -3.70
N ALA A 228 -17.07 -1.64 -3.00
CA ALA A 228 -16.95 -1.82 -1.55
C ALA A 228 -18.22 -1.41 -0.80
N ASN A 229 -18.76 -0.23 -1.11
CA ASN A 229 -20.02 0.19 -0.50
C ASN A 229 -21.16 -0.75 -0.87
N GLY A 230 -21.16 -1.22 -2.11
CA GLY A 230 -22.13 -2.24 -2.54
C GLY A 230 -22.06 -3.49 -1.67
N ALA A 231 -20.88 -3.77 -1.11
CA ALA A 231 -20.67 -4.95 -0.27
C ALA A 231 -20.95 -4.71 1.21
N GLY A 232 -21.43 -3.51 1.54
CA GLY A 232 -21.79 -3.18 2.92
C GLY A 232 -20.67 -2.61 3.78
N VAL A 233 -19.56 -2.23 3.16
CA VAL A 233 -18.43 -1.63 3.87
C VAL A 233 -18.33 -0.16 3.50
N ARG A 234 -18.43 0.71 4.51
CA ARG A 234 -18.40 2.15 4.26
C ARG A 234 -17.02 2.55 3.78
N THR A 235 -16.97 3.01 2.54
CA THR A 235 -15.69 3.19 1.89
C THR A 235 -15.59 4.54 1.20
N THR A 236 -14.44 5.16 1.34
CA THR A 236 -14.09 6.33 0.56
C THR A 236 -12.69 6.14 -0.01
N ALA A 237 -12.33 6.98 -0.98
CA ALA A 237 -10.99 6.98 -1.55
C ALA A 237 -10.44 8.38 -1.67
N LEU A 238 -9.12 8.48 -1.48
CA LEU A 238 -8.38 9.69 -1.75
C LEU A 238 -7.46 9.40 -2.91
N LEU A 239 -7.41 10.36 -3.82
CA LEU A 239 -6.39 10.39 -4.87
C LEU A 239 -5.25 11.24 -4.32
N THR A 240 -4.07 10.63 -4.20
CA THR A 240 -2.92 11.31 -3.59
C THR A 240 -1.68 11.22 -4.46
N ASP A 241 -0.74 12.10 -4.18
CA ASP A 241 0.36 12.35 -5.08
C ASP A 241 1.55 11.39 -4.93
N MET A 242 2.02 10.89 -6.06
CA MET A 242 3.24 10.07 -6.11
C MET A 242 4.12 10.51 -7.28
N ASN A 243 4.30 11.82 -7.42
CA ASN A 243 5.22 12.43 -8.38
C ASN A 243 6.57 12.70 -7.75
N GLN A 244 6.74 12.28 -6.49
CA GLN A 244 8.03 12.28 -5.82
C GLN A 244 7.91 11.28 -4.68
N VAL A 245 8.99 11.06 -3.95
CA VAL A 245 8.95 10.15 -2.80
C VAL A 245 8.06 10.83 -1.73
N LEU A 246 7.18 10.06 -1.09
CA LEU A 246 6.19 10.62 -0.15
C LEU A 246 6.85 10.89 1.20
N ALA A 247 7.39 9.84 1.81
CA ALA A 247 8.29 9.99 2.95
C ALA A 247 9.58 10.69 2.50
N SER A 248 10.44 10.99 3.47
CA SER A 248 11.79 11.48 3.16
C SER A 248 12.79 10.35 2.91
N SER A 249 12.30 9.10 2.95
CA SER A 249 13.12 7.94 2.76
C SER A 249 12.41 6.89 1.90
N ALA A 250 13.20 5.98 1.36
CA ALA A 250 12.71 4.88 0.55
C ALA A 250 13.60 3.68 0.80
N GLY A 251 12.97 2.59 1.21
CA GLY A 251 13.64 1.37 1.57
C GLY A 251 12.86 0.57 2.57
N ASN A 252 13.58 -0.02 3.51
CA ASN A 252 12.96 -0.92 4.48
C ASN A 252 13.24 -0.43 5.89
N ALA A 253 14.41 -0.76 6.45
CA ALA A 253 14.82 -0.19 7.74
C ALA A 253 14.73 1.33 7.76
N VAL A 254 15.13 1.99 6.67
CA VAL A 254 15.13 3.45 6.67
C VAL A 254 13.71 4.02 6.80
N GLU A 255 12.74 3.33 6.23
CA GLU A 255 11.36 3.79 6.31
C GLU A 255 10.76 3.47 7.69
N VAL A 256 11.16 2.36 8.30
CA VAL A 256 10.70 2.06 9.66
C VAL A 256 11.23 3.14 10.61
N ARG A 257 12.49 3.52 10.46
CA ARG A 257 13.06 4.62 11.24
C ARG A 257 12.22 5.88 11.07
N GLU A 258 11.91 6.22 9.84
CA GLU A 258 11.10 7.39 9.57
C GLU A 258 9.75 7.31 10.26
N ALA A 259 9.10 6.15 10.21
CA ALA A 259 7.82 5.92 10.90
C ALA A 259 7.94 6.20 12.39
N VAL A 260 8.96 5.64 13.01
CA VAL A 260 9.14 5.81 14.46
C VAL A 260 9.34 7.30 14.78
N GLN A 261 10.21 7.95 14.05
CA GLN A 261 10.51 9.37 14.27
C GLN A 261 9.30 10.29 14.02
N PHE A 262 8.40 9.85 13.16
CA PHE A 262 7.16 10.57 12.87
C PHE A 262 6.27 10.45 14.12
N LEU A 263 6.16 9.24 14.62
CA LEU A 263 5.30 8.94 15.75
C LEU A 263 5.79 9.65 17.01
N THR A 264 7.11 9.75 17.21
CA THR A 264 7.65 10.43 18.38
C THR A 264 7.76 11.95 18.24
N GLY A 265 7.53 12.48 17.04
CA GLY A 265 7.63 13.90 16.78
C GLY A 265 9.05 14.43 16.52
N GLU A 266 10.05 13.55 16.44
CA GLU A 266 11.40 13.97 16.04
C GLU A 266 11.38 14.69 14.69
N TYR A 267 10.69 14.09 13.72
CA TYR A 267 10.67 14.60 12.36
C TYR A 267 9.40 14.11 11.68
N ARG A 268 8.74 15.02 10.98
CA ARG A 268 7.54 14.68 10.21
C ARG A 268 7.60 15.33 8.82
N ASN A 269 7.85 14.52 7.80
CA ASN A 269 7.74 15.00 6.42
C ASN A 269 6.32 15.53 6.25
N PRO A 270 6.17 16.79 5.79
CA PRO A 270 4.85 17.42 5.80
C PRO A 270 3.86 16.81 4.80
N ARG A 271 4.40 16.31 3.70
CA ARG A 271 3.59 15.65 2.65
C ARG A 271 3.12 14.26 3.12
N LEU A 272 4.03 13.51 3.72
CA LEU A 272 3.70 12.25 4.37
C LEU A 272 2.68 12.49 5.48
N PHE A 273 2.86 13.57 6.25
CA PHE A 273 1.89 13.90 7.31
C PHE A 273 0.51 14.17 6.72
N ASP A 274 0.45 14.98 5.67
CA ASP A 274 -0.81 15.35 5.04
C ASP A 274 -1.56 14.11 4.55
N VAL A 275 -0.87 13.21 3.88
CA VAL A 275 -1.54 12.02 3.36
C VAL A 275 -1.97 11.10 4.51
N THR A 276 -1.06 10.86 5.44
CA THR A 276 -1.36 10.02 6.59
C THR A 276 -2.57 10.53 7.36
N MET A 277 -2.57 11.82 7.69
CA MET A 277 -3.68 12.41 8.41
C MET A 277 -4.98 12.30 7.61
N ALA A 278 -4.95 12.66 6.33
CA ALA A 278 -6.18 12.63 5.50
C ALA A 278 -6.77 11.22 5.46
N LEU A 279 -5.92 10.21 5.27
CA LEU A 279 -6.41 8.81 5.26
C LEU A 279 -6.99 8.42 6.62
N CYS A 280 -6.33 8.82 7.71
CA CYS A 280 -6.82 8.51 9.06
C CYS A 280 -8.19 9.18 9.31
N VAL A 281 -8.34 10.41 8.82
CA VAL A 281 -9.59 11.15 9.00
C VAL A 281 -10.74 10.37 8.33
N GLU A 282 -10.52 9.88 7.12
CA GLU A 282 -11.53 9.06 6.44
C GLU A 282 -11.92 7.85 7.29
N MET A 283 -10.93 7.20 7.89
CA MET A 283 -11.20 6.01 8.67
C MET A 283 -12.03 6.31 9.91
N LEU A 284 -11.71 7.41 10.59
CA LEU A 284 -12.48 7.82 11.78
C LEU A 284 -13.91 8.20 11.41
N ILE A 285 -14.08 8.92 10.31
CA ILE A 285 -15.42 9.32 9.89
C ILE A 285 -16.22 8.12 9.40
N SER A 286 -15.64 7.31 8.52
CA SER A 286 -16.35 6.13 8.04
C SER A 286 -16.66 5.16 9.19
N GLY A 287 -15.75 5.09 10.16
CA GLY A 287 -15.90 4.17 11.28
C GLY A 287 -16.74 4.79 12.39
N LYS A 288 -17.22 6.00 12.16
CA LYS A 288 -18.12 6.69 13.10
C LYS A 288 -17.47 6.98 14.44
N LEU A 289 -16.17 7.25 14.41
CA LEU A 289 -15.40 7.59 15.61
C LEU A 289 -15.29 9.11 15.75
N ALA A 290 -15.73 9.82 14.72
CA ALA A 290 -15.71 11.28 14.69
C ALA A 290 -16.81 11.75 13.73
N LYS A 291 -17.41 12.90 14.01
CA LYS A 291 -18.54 13.37 13.17
C LYS A 291 -18.09 14.21 11.97
N ASP A 292 -16.92 14.83 12.08
CA ASP A 292 -16.43 15.65 10.97
C ASP A 292 -14.90 15.72 10.94
N ASP A 293 -14.38 16.34 9.88
N ASP A 293 -14.38 16.36 9.91
CA ASP A 293 -12.94 16.46 9.66
CA ASP A 293 -12.94 16.40 9.66
C ASP A 293 -12.22 17.07 10.85
C ASP A 293 -12.17 17.13 10.77
N ALA A 294 -12.74 18.21 11.31
CA ALA A 294 -12.11 18.94 12.40
C ALA A 294 -11.98 18.08 13.65
N GLU A 295 -13.05 17.37 14.03
CA GLU A 295 -13.00 16.51 15.21
C GLU A 295 -12.04 15.35 15.02
N ALA A 296 -12.06 14.78 13.82
CA ALA A 296 -11.16 13.66 13.50
C ALA A 296 -9.71 14.09 13.66
N ARG A 297 -9.37 15.21 13.03
CA ARG A 297 -8.01 15.76 13.09
C ARG A 297 -7.59 16.06 14.51
N ALA A 298 -8.50 16.63 15.30
CA ALA A 298 -8.19 16.91 16.71
C ALA A 298 -7.85 15.61 17.46
N LYS A 299 -8.65 14.57 17.27
CA LYS A 299 -8.40 13.28 17.95
C LYS A 299 -7.07 12.66 17.49
N LEU A 300 -6.80 12.68 16.19
CA LEU A 300 -5.56 12.12 15.66
C LEU A 300 -4.32 12.88 16.08
N GLN A 301 -4.40 14.21 16.05
CA GLN A 301 -3.32 15.05 16.56
C GLN A 301 -3.06 14.76 18.04
N ALA A 302 -4.13 14.57 18.82
CA ALA A 302 -3.96 14.33 20.24
C ALA A 302 -3.15 13.08 20.54
N VAL A 303 -3.40 12.00 19.78
CA VAL A 303 -2.70 10.73 20.02
C VAL A 303 -1.27 10.79 19.52
N LEU A 304 -0.98 11.68 18.57
CA LEU A 304 0.43 11.96 18.24
C LEU A 304 1.09 12.73 19.38
N ASP A 305 0.43 13.80 19.82
CA ASP A 305 0.99 14.72 20.79
C ASP A 305 1.22 14.06 22.17
N ASN A 306 0.34 13.16 22.58
CA ASN A 306 0.44 12.55 23.91
C ASN A 306 1.20 11.22 23.96
N GLY A 307 1.79 10.84 22.82
CA GLY A 307 2.57 9.63 22.78
C GLY A 307 1.78 8.33 22.63
N LYS A 308 0.45 8.40 22.58
CA LYS A 308 -0.37 7.19 22.53
C LYS A 308 -0.15 6.39 21.25
N ALA A 309 -0.05 7.08 20.13
CA ALA A 309 0.10 6.37 18.85
C ALA A 309 1.45 5.65 18.81
N ALA A 310 2.50 6.32 19.28
CA ALA A 310 3.82 5.69 19.40
C ALA A 310 3.77 4.47 20.30
N GLU A 311 3.04 4.57 21.40
CA GLU A 311 2.91 3.46 22.33
C GLU A 311 2.19 2.26 21.69
N VAL A 312 1.13 2.55 20.94
CA VAL A 312 0.41 1.48 20.20
C VAL A 312 1.37 0.80 19.21
N PHE A 313 2.13 1.59 18.46
CA PHE A 313 3.12 1.01 17.53
C PHE A 313 4.09 0.08 18.27
N GLY A 314 4.60 0.55 19.41
CA GLY A 314 5.50 -0.27 20.21
C GLY A 314 4.86 -1.57 20.66
N ARG A 315 3.61 -1.48 21.12
CA ARG A 315 2.87 -2.64 21.57
C ARG A 315 2.57 -3.61 20.41
N MET A 316 2.31 -3.07 19.22
CA MET A 316 2.10 -3.88 18.04
C MET A 316 3.38 -4.67 17.70
N VAL A 317 4.51 -3.96 17.68
CA VAL A 317 5.79 -4.59 17.37
C VAL A 317 6.08 -5.71 18.39
N ALA A 318 5.91 -5.43 19.67
CA ALA A 318 6.12 -6.45 20.71
C ALA A 318 5.17 -7.64 20.55
N ALA A 319 3.90 -7.36 20.27
CA ALA A 319 2.89 -8.40 20.16
C ALA A 319 3.15 -9.30 18.95
N GLN A 320 3.76 -8.73 17.90
CA GLN A 320 4.15 -9.50 16.72
C GLN A 320 5.62 -10.00 16.81
N LYS A 321 6.12 -10.09 18.03
CA LYS A 321 7.39 -10.77 18.34
C LYS A 321 8.65 -10.00 17.96
N GLY A 322 8.50 -8.73 17.59
CA GLY A 322 9.63 -7.81 17.57
C GLY A 322 10.07 -7.47 18.99
N PRO A 323 11.10 -6.63 19.13
CA PRO A 323 11.62 -6.29 20.46
C PRO A 323 10.59 -5.52 21.31
N THR A 324 10.64 -5.69 22.62
CA THR A 324 9.70 -5.01 23.51
C THR A 324 10.06 -3.54 23.73
N ASP A 325 11.31 -3.19 23.45
CA ASP A 325 11.78 -1.80 23.60
C ASP A 325 12.11 -1.18 22.24
N PHE A 326 11.37 -1.56 21.22
CA PHE A 326 11.71 -1.15 19.86
C PHE A 326 11.64 0.37 19.64
N VAL A 327 10.59 1.02 20.12
CA VAL A 327 10.44 2.46 19.90
C VAL A 327 11.61 3.19 20.54
N GLU A 328 11.93 2.80 21.77
CA GLU A 328 13.02 3.40 22.51
C GLU A 328 14.38 3.12 21.83
N ASN A 329 14.60 1.88 21.44
CA ASN A 329 15.95 1.43 21.04
C ASN A 329 16.05 0.97 19.59
N TYR A 330 15.21 1.52 18.71
CA TYR A 330 15.20 1.06 17.32
C TYR A 330 16.59 1.07 16.66
N ALA A 331 17.43 2.03 17.05
CA ALA A 331 18.76 2.17 16.44
C ALA A 331 19.61 0.91 16.65
N LYS A 332 19.41 0.25 17.80
CA LYS A 332 20.09 -1.00 18.16
C LYS A 332 19.67 -2.16 17.24
N TYR A 333 18.43 -2.11 16.76
CA TYR A 333 17.82 -3.27 16.09
C TYR A 333 17.79 -3.19 14.58
N LEU A 334 17.55 -1.99 14.05
CA LEU A 334 17.42 -1.83 12.59
C LEU A 334 18.82 -1.84 11.99
N PRO A 335 19.04 -2.69 10.97
CA PRO A 335 20.37 -2.87 10.41
C PRO A 335 20.83 -1.63 9.66
N THR A 336 22.10 -1.27 9.82
CA THR A 336 22.70 -0.15 9.13
C THR A 336 23.46 -0.66 7.90
N ALA A 337 23.56 0.19 6.88
CA ALA A 337 24.22 -0.17 5.63
C ALA A 337 25.74 -0.06 5.72
N MET A 338 26.45 -0.75 4.83
CA MET A 338 27.91 -0.70 4.83
C MET A 338 28.41 0.70 4.54
N LEU A 339 27.82 1.34 3.53
CA LEU A 339 28.24 2.67 3.09
C LEU A 339 27.02 3.62 3.01
N THR A 340 27.12 4.75 3.71
CA THR A 340 26.07 5.78 3.70
C THR A 340 26.75 7.08 3.27
N LYS A 341 26.31 7.63 2.15
CA LYS A 341 27.01 8.76 1.52
C LYS A 341 26.01 9.53 0.67
N ALA A 342 26.07 10.86 0.76
CA ALA A 342 25.20 11.74 -0.01
C ALA A 342 25.54 11.72 -1.49
N VAL A 343 24.50 11.81 -2.33
CA VAL A 343 24.63 12.07 -3.76
C VAL A 343 24.18 13.50 -4.10
N TYR A 344 25.09 14.25 -4.73
CA TYR A 344 24.86 15.64 -5.08
C TYR A 344 24.58 15.74 -6.57
N ALA A 345 23.72 16.69 -6.95
CA ALA A 345 23.46 16.92 -8.36
C ALA A 345 24.71 17.46 -9.03
N ASP A 346 24.79 17.27 -10.35
CA ASP A 346 25.91 17.76 -11.15
C ASP A 346 25.92 19.29 -11.30
N THR A 347 24.75 19.91 -11.12
CA THR A 347 24.61 21.36 -11.17
C THR A 347 23.76 21.87 -10.02
N GLU A 348 23.72 23.20 -9.87
CA GLU A 348 22.83 23.85 -8.92
C GLU A 348 21.49 24.12 -9.60
N GLY A 349 20.41 24.12 -8.81
CA GLY A 349 19.09 24.45 -9.33
C GLY A 349 17.97 23.95 -8.43
N PHE A 350 16.75 24.06 -8.93
CA PHE A 350 15.58 23.56 -8.21
C PHE A 350 15.22 22.19 -8.73
N VAL A 351 14.87 21.28 -7.82
CA VAL A 351 14.37 19.97 -8.20
C VAL A 351 13.02 20.21 -8.89
N SER A 352 12.93 19.85 -10.18
N SER A 352 12.93 19.83 -10.17
CA SER A 352 11.76 20.19 -11.01
CA SER A 352 11.80 20.17 -11.02
C SER A 352 10.89 18.98 -11.35
C SER A 352 10.90 18.97 -11.31
N GLU A 353 11.49 17.85 -11.68
CA GLU A 353 10.75 16.60 -11.60
C GLU A 353 11.56 15.39 -11.28
N MET A 354 10.86 14.42 -10.71
N MET A 354 10.81 14.39 -10.82
CA MET A 354 11.55 13.20 -10.29
CA MET A 354 11.35 13.22 -10.18
C MET A 354 10.69 12.00 -10.67
C MET A 354 10.59 12.04 -10.77
N ASP A 355 11.29 11.21 -11.54
CA ASP A 355 10.73 10.00 -12.08
C ASP A 355 10.73 9.02 -10.91
N THR A 356 9.56 8.91 -10.29
N THR A 356 9.60 8.92 -10.23
CA THR A 356 9.46 8.21 -9.02
CA THR A 356 9.61 8.15 -8.98
C THR A 356 9.42 6.70 -9.23
C THR A 356 9.53 6.66 -9.26
N ARG A 357 9.01 6.26 -10.43
CA ARG A 357 9.19 4.87 -10.87
C ARG A 357 10.68 4.51 -10.92
N ALA A 358 11.49 5.35 -11.58
CA ALA A 358 12.91 5.14 -11.66
C ALA A 358 13.58 5.11 -10.30
N LEU A 359 13.16 6.00 -9.40
CA LEU A 359 13.71 6.00 -8.03
C LEU A 359 13.38 4.68 -7.33
N GLY A 360 12.14 4.21 -7.52
CA GLY A 360 11.72 2.91 -6.98
C GLY A 360 12.58 1.77 -7.52
N MET A 361 12.80 1.77 -8.83
CA MET A 361 13.61 0.71 -9.41
C MET A 361 15.08 0.78 -8.95
N ALA A 362 15.56 1.98 -8.66
CA ALA A 362 16.92 2.12 -8.13
C ALA A 362 17.07 1.42 -6.77
N VAL A 363 16.05 1.52 -5.93
CA VAL A 363 16.09 0.81 -4.65
C VAL A 363 16.08 -0.72 -4.86
N VAL A 364 15.27 -1.19 -5.80
CA VAL A 364 15.24 -2.62 -6.13
C VAL A 364 16.65 -3.05 -6.55
N ALA A 365 17.27 -2.25 -7.41
CA ALA A 365 18.58 -2.60 -7.99
C ALA A 365 19.69 -2.61 -6.94
N MET A 366 19.52 -1.78 -5.90
CA MET A 366 20.44 -1.79 -4.76
C MET A 366 20.33 -3.04 -3.90
N GLY A 367 19.26 -3.80 -4.07
CA GLY A 367 18.99 -4.98 -3.25
C GLY A 367 17.93 -4.77 -2.18
N GLY A 368 17.23 -3.63 -2.24
CA GLY A 368 16.16 -3.34 -1.30
C GLY A 368 14.77 -3.78 -1.71
N GLY A 369 14.69 -4.45 -2.85
CA GLY A 369 13.49 -5.06 -3.34
C GLY A 369 13.84 -6.24 -4.22
N ARG A 370 12.82 -6.82 -4.83
CA ARG A 370 12.99 -8.06 -5.58
C ARG A 370 12.62 -7.89 -7.02
N ARG A 371 13.31 -8.62 -7.88
CA ARG A 371 12.90 -8.75 -9.29
C ARG A 371 12.12 -10.05 -9.49
N GLN A 372 12.48 -11.09 -8.74
CA GLN A 372 11.67 -12.31 -8.70
C GLN A 372 11.41 -12.71 -7.27
N ALA A 373 10.38 -13.51 -7.05
CA ALA A 373 9.91 -13.77 -5.68
C ALA A 373 10.98 -14.37 -4.76
N SER A 374 11.90 -15.14 -5.33
CA SER A 374 12.95 -15.79 -4.54
C SER A 374 14.06 -14.86 -4.08
N ASP A 375 14.10 -13.65 -4.62
CA ASP A 375 15.15 -12.69 -4.26
C ASP A 375 15.14 -12.36 -2.77
N THR A 376 16.35 -12.18 -2.25
CA THR A 376 16.57 -11.84 -0.85
C THR A 376 16.83 -10.35 -0.75
N ILE A 377 16.13 -9.69 0.17
CA ILE A 377 16.30 -8.26 0.38
C ILE A 377 17.43 -7.98 1.37
N ASP A 378 18.19 -6.94 1.07
CA ASP A 378 19.07 -6.30 2.04
C ASP A 378 18.23 -5.20 2.69
N TYR A 379 17.97 -5.34 3.99
CA TYR A 379 17.01 -4.48 4.68
C TYR A 379 17.57 -3.09 5.02
N SER A 380 18.89 -2.90 4.83
N SER A 380 18.88 -2.90 4.80
CA SER A 380 19.55 -1.65 5.23
CA SER A 380 19.56 -1.68 5.24
C SER A 380 19.58 -0.60 4.13
C SER A 380 19.68 -0.63 4.14
N VAL A 381 19.57 -1.04 2.88
CA VAL A 381 19.79 -0.13 1.78
C VAL A 381 18.58 0.75 1.46
N GLY A 382 18.86 1.85 0.79
CA GLY A 382 17.83 2.75 0.33
C GLY A 382 18.26 4.20 0.42
N PHE A 383 17.27 5.09 0.45
CA PHE A 383 17.51 6.52 0.45
C PHE A 383 16.95 7.16 1.70
N THR A 384 17.66 8.17 2.19
CA THR A 384 17.12 9.07 3.20
C THR A 384 17.40 10.50 2.76
N ASP A 385 16.89 11.46 3.52
CA ASP A 385 17.19 12.86 3.25
C ASP A 385 16.80 13.19 1.79
N MET A 386 15.71 12.62 1.28
CA MET A 386 15.27 12.91 -0.09
C MET A 386 15.02 14.39 -0.27
N ALA A 387 15.56 14.95 -1.33
CA ALA A 387 15.16 16.27 -1.77
C ALA A 387 13.73 16.18 -2.28
N ARG A 388 13.01 17.30 -2.16
CA ARG A 388 11.63 17.39 -2.61
C ARG A 388 11.56 18.31 -3.82
N LEU A 389 10.52 18.14 -4.62
CA LEU A 389 10.23 19.06 -5.70
C LEU A 389 10.22 20.48 -5.14
N GLY A 390 10.90 21.40 -5.82
CA GLY A 390 10.99 22.78 -5.31
C GLY A 390 12.20 23.06 -4.42
N ASP A 391 12.94 22.03 -4.02
CA ASP A 391 14.14 22.25 -3.20
C ASP A 391 15.27 22.77 -4.09
N GLN A 392 15.98 23.79 -3.60
N GLN A 392 16.02 23.74 -3.55
CA GLN A 392 17.20 24.24 -4.25
CA GLN A 392 17.21 24.26 -4.19
C GLN A 392 18.29 23.26 -3.84
C GLN A 392 18.38 23.36 -3.82
N VAL A 393 18.99 22.70 -4.82
CA VAL A 393 20.09 21.75 -4.54
C VAL A 393 21.41 22.37 -4.95
N ASP A 394 22.44 22.08 -4.17
CA ASP A 394 23.79 22.58 -4.44
C ASP A 394 24.76 21.78 -3.57
N GLY A 395 25.99 22.25 -3.42
CA GLY A 395 26.97 21.61 -2.55
C GLY A 395 26.51 21.42 -1.10
N GLN A 396 25.52 22.21 -0.69
CA GLN A 396 25.00 22.12 0.69
C GLN A 396 23.71 21.32 0.82
N ARG A 397 23.11 20.91 -0.31
CA ARG A 397 21.92 20.09 -0.27
C ARG A 397 21.97 19.00 -1.34
N PRO A 398 22.14 17.75 -0.90
CA PRO A 398 22.21 16.65 -1.86
C PRO A 398 20.82 16.28 -2.36
N LEU A 399 20.79 15.45 -3.39
CA LEU A 399 19.54 14.94 -3.90
C LEU A 399 18.97 13.90 -2.94
N ALA A 400 19.88 13.20 -2.26
CA ALA A 400 19.54 12.14 -1.33
C ALA A 400 20.81 11.68 -0.63
N VAL A 401 20.62 10.95 0.47
CA VAL A 401 21.68 10.21 1.10
C VAL A 401 21.43 8.73 0.77
N ILE A 402 22.42 8.08 0.18
CA ILE A 402 22.29 6.70 -0.24
C ILE A 402 22.96 5.76 0.75
N HIS A 403 22.17 4.77 1.20
CA HIS A 403 22.59 3.72 2.10
C HIS A 403 22.81 2.49 1.23
N ALA A 404 24.06 2.08 1.06
CA ALA A 404 24.43 1.07 0.08
C ALA A 404 25.22 -0.07 0.71
N LYS A 405 25.17 -1.24 0.08
CA LYS A 405 25.67 -2.48 0.71
C LYS A 405 27.18 -2.66 0.48
N ASP A 406 27.69 -1.84 -0.44
CA ASP A 406 29.11 -1.73 -0.75
C ASP A 406 29.31 -0.53 -1.71
N GLU A 407 30.54 -0.22 -2.10
CA GLU A 407 30.85 1.01 -2.90
C GLU A 407 30.42 0.96 -4.38
N ASN A 408 30.55 -0.20 -5.00
CA ASN A 408 30.07 -0.42 -6.38
C ASN A 408 28.55 -0.20 -6.47
N ASN A 409 27.85 -0.79 -5.50
CA ASN A 409 26.41 -0.62 -5.31
C ASN A 409 26.06 0.87 -5.19
N TRP A 410 26.83 1.60 -4.39
CA TRP A 410 26.54 3.04 -4.16
C TRP A 410 26.63 3.81 -5.49
N GLN A 411 27.67 3.52 -6.27
CA GLN A 411 27.91 4.22 -7.52
C GLN A 411 26.77 4.04 -8.50
N GLU A 412 26.25 2.81 -8.60
CA GLU A 412 25.13 2.55 -9.51
C GLU A 412 23.85 3.25 -9.06
N ALA A 413 23.60 3.23 -7.74
CA ALA A 413 22.46 3.94 -7.15
C ALA A 413 22.57 5.46 -7.38
N ALA A 414 23.77 6.02 -7.16
CA ALA A 414 23.96 7.46 -7.35
C ALA A 414 23.68 7.85 -8.79
N LYS A 415 24.13 7.01 -9.73
CA LYS A 415 23.88 7.23 -11.14
C LYS A 415 22.37 7.22 -11.46
N ALA A 416 21.65 6.27 -10.87
CA ALA A 416 20.21 6.14 -11.11
C ALA A 416 19.44 7.31 -10.50
N VAL A 417 19.84 7.75 -9.32
CA VAL A 417 19.19 8.90 -8.67
C VAL A 417 19.34 10.16 -9.51
N LYS A 418 20.57 10.45 -9.93
CA LYS A 418 20.83 11.59 -10.80
C LYS A 418 20.05 11.50 -12.13
N ALA A 419 19.95 10.31 -12.70
CA ALA A 419 19.23 10.14 -13.96
C ALA A 419 17.72 10.33 -13.78
N ALA A 420 17.21 10.07 -12.59
CA ALA A 420 15.77 10.13 -12.34
C ALA A 420 15.27 11.56 -12.05
N ILE A 421 16.19 12.48 -11.80
CA ILE A 421 15.82 13.81 -11.32
C ILE A 421 16.27 14.87 -12.30
N LYS A 422 15.34 15.72 -12.70
CA LYS A 422 15.63 16.88 -13.53
C LYS A 422 15.59 18.15 -12.69
N LEU A 423 16.61 18.98 -12.85
CA LEU A 423 16.68 20.30 -12.23
C LEU A 423 16.23 21.38 -13.20
N ALA A 424 15.77 22.51 -12.64
CA ALA A 424 15.39 23.67 -13.44
C ALA A 424 15.82 24.94 -12.74
N ASP A 425 15.90 26.03 -13.49
N ASP A 425 15.88 26.03 -13.51
CA ASP A 425 16.32 27.30 -12.92
CA ASP A 425 16.29 27.33 -12.99
C ASP A 425 15.19 27.99 -12.13
C ASP A 425 15.18 27.99 -12.16
N LYS A 426 13.97 27.44 -12.21
CA LYS A 426 12.85 27.88 -11.38
C LYS A 426 12.15 26.69 -10.73
N ALA A 427 11.58 26.90 -9.54
CA ALA A 427 10.81 25.86 -8.87
C ALA A 427 9.57 25.52 -9.69
N PRO A 428 9.17 24.24 -9.71
CA PRO A 428 7.96 23.88 -10.44
C PRO A 428 6.72 24.37 -9.72
N GLU A 429 5.60 24.41 -10.43
CA GLU A 429 4.33 24.78 -9.81
C GLU A 429 4.01 23.71 -8.75
N SER A 430 3.58 24.15 -7.58
CA SER A 430 3.24 23.21 -6.52
C SER A 430 1.98 22.45 -6.89
N THR A 431 1.81 21.30 -6.24
N THR A 431 1.85 21.23 -6.36
CA THR A 431 0.72 20.38 -6.52
CA THR A 431 0.64 20.44 -6.57
C THR A 431 0.12 19.94 -5.20
C THR A 431 0.11 20.00 -5.22
N PRO A 432 -1.19 19.66 -5.16
CA PRO A 432 -1.75 19.15 -3.92
C PRO A 432 -1.21 17.76 -3.61
N THR A 433 -1.15 17.41 -2.33
CA THR A 433 -0.79 16.07 -1.93
C THR A 433 -2.03 15.20 -2.01
N VAL A 434 -3.18 15.80 -1.73
CA VAL A 434 -4.46 15.11 -1.86
C VAL A 434 -5.30 15.86 -2.88
N TYR A 435 -5.52 15.22 -4.03
CA TYR A 435 -6.23 15.84 -5.15
C TYR A 435 -7.73 15.87 -4.98
N ARG A 436 -8.28 14.80 -4.47
CA ARG A 436 -9.70 14.62 -4.41
C ARG A 436 -10.13 13.49 -3.50
N ARG A 437 -11.31 13.57 -2.94
CA ARG A 437 -11.93 12.51 -2.15
C ARG A 437 -13.13 12.02 -2.94
N ILE A 438 -13.28 10.70 -3.00
CA ILE A 438 -14.37 10.06 -3.70
C ILE A 438 -15.18 9.27 -2.66
N SER A 439 -16.48 9.54 -2.59
CA SER A 439 -17.37 8.83 -1.68
C SER A 439 -18.49 8.16 -2.47
N GLU A 440 -19.34 7.39 -1.80
CA GLU A 440 -20.38 6.63 -2.51
C GLU A 440 -21.27 7.55 -3.35
#